data_5H1E
#
_entry.id   5H1E
#
_cell.length_a   155.770
_cell.length_b   42.880
_cell.length_c   42.210
_cell.angle_alpha   90.00
_cell.angle_beta   95.83
_cell.angle_gamma   90.00
#
_symmetry.space_group_name_H-M   'C 1 2 1'
#
loop_
_entity.id
_entity.type
_entity.pdbx_description
1 polymer 'Vitamin D3 receptor'
2 polymer 'Nuclear receptor coactivator 2 peptide'
3 non-polymer 5-{2-[1-(5-HYDROXY-1,5-DIMETHYL-HEXYL)-7A-METHYL-OCTAHYDRO-INDEN-4-YLIDENE]-ETHYLIDENE}-4-METHYLENE-CYCLOHEXANE-1,3-DIOL
4 water water
#
loop_
_entity_poly.entity_id
_entity_poly.type
_entity_poly.pdbx_seq_one_letter_code
_entity_poly.pdbx_strand_id
1 'polypeptide(L)'
;GSHMGSPNSPLKDSLRPKLSEEQQHIIAILLDAHHKTYDPTYADFRDFRPPVRMDGSTGSVTLDLSPLSMLPHLADLVSY
SIQKVIGFAKMIPGFRDLTSDDQIVLLKSSAIEVIMLRSNQSFTMDDMSWDCGSQDYKYDVTDVSKAGHTLELIEPLIKF
QVGLKKLNLHEEEHVLLMAICIVSPDRPGVQDAKLVEAIQDRLSNTLQTYIRCRHPPPGSHQLYAKMIQKLADLRSLNEE
HSKQYRSLSFQPENSMKLTPLVLEVFGNEIS
;
A
2 'polypeptide(L)' KENALLRYLLDKD C
#
# COMPACT_ATOMS: atom_id res chain seq x y z
N LYS A 18 -17.87 22.67 8.11
CA LYS A 18 -18.74 21.66 7.41
C LYS A 18 -18.01 20.98 6.23
N LEU A 19 -18.45 19.75 5.94
CA LEU A 19 -18.03 19.00 4.74
C LEU A 19 -18.72 19.53 3.49
N SER A 20 -17.97 20.23 2.62
CA SER A 20 -18.48 20.66 1.32
C SER A 20 -18.94 19.46 0.50
N GLU A 21 -19.83 19.68 -0.45
CA GLU A 21 -20.42 18.58 -1.25
C GLU A 21 -19.43 17.87 -2.13
N GLU A 22 -18.50 18.64 -2.71
CA GLU A 22 -17.37 18.12 -3.49
C GLU A 22 -16.53 17.19 -2.63
N GLN A 23 -16.35 17.55 -1.36
CA GLN A 23 -15.59 16.71 -0.38
C GLN A 23 -16.31 15.40 -0.07
N GLN A 24 -17.61 15.45 0.10
CA GLN A 24 -18.44 14.25 0.29
C GLN A 24 -18.40 13.36 -0.95
N HIS A 25 -18.36 14.00 -2.10
CA HIS A 25 -18.30 13.29 -3.38
C HIS A 25 -17.02 12.49 -3.42
N ILE A 26 -15.90 13.18 -3.17
CA ILE A 26 -14.57 12.58 -3.16
C ILE A 26 -14.56 11.31 -2.29
N ILE A 27 -15.08 11.43 -1.06
CA ILE A 27 -15.12 10.32 -0.10
C ILE A 27 -15.89 9.14 -0.62
N ALA A 28 -17.02 9.42 -1.25
CA ALA A 28 -17.85 8.37 -1.85
C ALA A 28 -17.06 7.58 -2.90
N ILE A 29 -16.34 8.32 -3.76
CA ILE A 29 -15.57 7.75 -4.85
C ILE A 29 -14.46 6.82 -4.34
N LEU A 30 -13.76 7.26 -3.30
CA LEU A 30 -12.62 6.50 -2.76
C LEU A 30 -13.09 5.21 -2.09
N LEU A 31 -14.16 5.30 -1.30
CA LEU A 31 -14.79 4.13 -0.68
C LEU A 31 -15.17 3.05 -1.65
N ASP A 32 -15.87 3.44 -2.71
CA ASP A 32 -16.26 2.58 -3.80
C ASP A 32 -15.05 1.99 -4.51
N ALA A 33 -14.12 2.85 -4.88
CA ALA A 33 -12.83 2.42 -5.47
C ALA A 33 -12.24 1.27 -4.68
N HIS A 34 -12.17 1.45 -3.36
CA HIS A 34 -11.55 0.46 -2.48
C HIS A 34 -12.35 -0.86 -2.39
N HIS A 35 -13.68 -0.73 -2.30
CA HIS A 35 -14.56 -1.89 -2.23
C HIS A 35 -14.41 -2.80 -3.42
N LYS A 36 -14.20 -2.21 -4.60
CA LYS A 36 -13.96 -2.95 -5.84
C LYS A 36 -12.54 -3.52 -5.88
N THR A 37 -11.57 -2.73 -5.46
CA THR A 37 -10.17 -3.12 -5.44
C THR A 37 -9.78 -4.08 -4.31
N TYR A 38 -10.55 -4.09 -3.22
CA TYR A 38 -10.19 -4.97 -2.10
C TYR A 38 -11.27 -6.02 -1.80
N ASP A 39 -10.86 -7.27 -1.82
CA ASP A 39 -11.75 -8.38 -1.54
C ASP A 39 -11.63 -8.92 -0.08
N PRO A 40 -12.69 -8.71 0.75
CA PRO A 40 -12.64 -9.25 2.12
C PRO A 40 -12.56 -10.78 2.18
N THR A 41 -13.20 -11.46 1.22
CA THR A 41 -13.23 -12.93 1.16
C THR A 41 -11.86 -13.58 0.94
N TYR A 42 -10.92 -12.88 0.28
CA TYR A 42 -9.62 -13.49 -0.06
C TYR A 42 -9.75 -14.78 -0.91
N ALA A 43 -10.78 -14.85 -1.75
CA ALA A 43 -11.02 -16.05 -2.58
C ALA A 43 -9.92 -16.21 -3.61
N ASP A 44 -9.52 -15.08 -4.18
CA ASP A 44 -8.49 -15.04 -5.23
C ASP A 44 -7.13 -15.66 -4.86
N PHE A 45 -6.86 -15.79 -3.58
CA PHE A 45 -5.60 -16.33 -3.03
C PHE A 45 -5.23 -17.76 -3.39
N ARG A 46 -6.23 -18.58 -3.71
CA ARG A 46 -5.99 -19.96 -4.14
C ARG A 46 -5.12 -20.01 -5.38
N ASP A 47 -5.36 -19.03 -6.28
CA ASP A 47 -4.66 -18.94 -7.56
C ASP A 47 -3.15 -18.79 -7.49
N PHE A 48 -2.66 -18.26 -6.38
CA PHE A 48 -1.21 -18.12 -6.15
C PHE A 48 -0.55 -19.45 -5.85
N ARG A 49 0.75 -19.49 -6.11
CA ARG A 49 1.56 -20.69 -5.84
C ARG A 49 1.46 -21.02 -4.39
N PRO A 50 1.37 -22.32 -4.07
CA PRO A 50 1.01 -22.71 -2.71
C PRO A 50 2.06 -22.23 -1.67
N PRO A 51 1.57 -21.77 -0.50
CA PRO A 51 2.47 -21.39 0.56
C PRO A 51 3.20 -22.60 1.16
N VAL A 52 4.48 -22.43 1.44
CA VAL A 52 5.32 -23.51 1.96
C VAL A 52 5.96 -23.11 3.32
N ARG A 53 5.49 -23.80 4.36
CA ARG A 53 6.00 -23.67 5.74
C ARG A 53 6.38 -25.09 6.24
N MET A 54 7.64 -25.47 6.01
CA MET A 54 8.11 -26.83 6.39
C MET A 54 8.45 -26.92 7.85
N SER A 66 14.72 -25.04 4.71
CA SER A 66 13.98 -24.52 3.53
C SER A 66 14.03 -22.99 3.47
N PRO A 67 14.98 -22.42 2.69
CA PRO A 67 15.13 -20.97 2.62
C PRO A 67 14.29 -20.37 1.51
N LEU A 68 13.51 -19.35 1.87
CA LEU A 68 12.69 -18.61 0.91
C LEU A 68 11.66 -19.55 0.26
N SER A 69 11.16 -20.48 1.07
CA SER A 69 10.03 -21.33 0.71
C SER A 69 8.76 -20.52 0.55
N MET A 70 8.62 -19.49 1.39
CA MET A 70 7.44 -18.59 1.34
C MET A 70 7.42 -17.63 0.17
N LEU A 71 8.57 -17.27 -0.36
CA LEU A 71 8.68 -16.25 -1.38
C LEU A 71 7.79 -16.38 -2.66
N PRO A 72 7.70 -17.56 -3.28
CA PRO A 72 6.83 -17.71 -4.48
C PRO A 72 5.39 -17.39 -4.18
N HIS A 73 4.87 -17.87 -3.03
CA HIS A 73 3.52 -17.52 -2.60
C HIS A 73 3.43 -16.01 -2.36
N LEU A 74 4.31 -15.53 -1.49
CA LEU A 74 4.36 -14.15 -1.13
C LEU A 74 4.58 -13.22 -2.28
N ALA A 75 5.42 -13.59 -3.23
CA ALA A 75 5.65 -12.79 -4.45
C ALA A 75 4.39 -12.64 -5.36
N ASP A 76 3.56 -13.68 -5.42
CA ASP A 76 2.33 -13.67 -6.16
C ASP A 76 1.28 -12.77 -5.48
N LEU A 77 1.24 -12.83 -4.15
CA LEU A 77 0.34 -12.00 -3.39
C LEU A 77 0.68 -10.54 -3.66
N VAL A 78 1.95 -10.25 -3.59
CA VAL A 78 2.42 -8.89 -3.82
C VAL A 78 2.07 -8.43 -5.26
N SER A 79 2.33 -9.29 -6.23
CA SER A 79 2.00 -9.00 -7.64
C SER A 79 0.49 -8.72 -7.85
N TYR A 80 -0.34 -9.61 -7.34
CA TYR A 80 -1.77 -9.40 -7.24
C TYR A 80 -2.16 -8.06 -6.64
N SER A 81 -1.63 -7.82 -5.46
CA SER A 81 -1.82 -6.56 -4.72
C SER A 81 -1.37 -5.28 -5.50
N ILE A 82 -0.30 -5.40 -6.27
CA ILE A 82 0.15 -4.31 -7.08
C ILE A 82 -0.93 -3.95 -8.08
N GLN A 83 -1.57 -4.96 -8.67
CA GLN A 83 -2.63 -4.73 -9.65
C GLN A 83 -3.79 -3.97 -9.04
N LYS A 84 -4.24 -4.45 -7.89
CA LYS A 84 -5.32 -3.85 -7.13
C LYS A 84 -5.04 -2.41 -6.75
N VAL A 85 -3.79 -2.09 -6.47
CA VAL A 85 -3.36 -0.73 -6.13
C VAL A 85 -3.42 0.18 -7.34
N ILE A 86 -3.04 -0.36 -8.48
CA ILE A 86 -3.06 0.39 -9.74
C ILE A 86 -4.49 0.77 -10.12
N GLY A 87 -5.43 -0.13 -9.87
CA GLY A 87 -6.83 0.12 -10.16
C GLY A 87 -7.45 1.21 -9.29
N PHE A 88 -7.16 1.15 -7.99
CA PHE A 88 -7.56 2.14 -7.00
C PHE A 88 -7.05 3.53 -7.33
N ALA A 89 -5.79 3.60 -7.75
CA ALA A 89 -5.15 4.85 -8.16
C ALA A 89 -5.88 5.60 -9.29
N LYS A 90 -6.33 4.85 -10.30
CA LYS A 90 -7.01 5.42 -11.47
C LYS A 90 -8.33 6.12 -11.15
N MET A 91 -9.03 5.56 -10.16
CA MET A 91 -10.30 6.12 -9.66
C MET A 91 -10.12 7.44 -8.88
N ILE A 92 -8.93 7.71 -8.37
CA ILE A 92 -8.69 8.92 -7.58
C ILE A 92 -8.85 10.21 -8.41
N PRO A 93 -9.75 11.11 -7.97
CA PRO A 93 -9.96 12.38 -8.64
C PRO A 93 -8.72 13.20 -8.97
N GLY A 94 -8.61 13.58 -10.24
CA GLY A 94 -7.50 14.31 -10.79
C GLY A 94 -6.26 13.52 -11.14
N PHE A 95 -6.22 12.20 -10.82
CA PHE A 95 -5.03 11.35 -11.09
C PHE A 95 -4.82 11.21 -12.62
N ARG A 96 -5.96 11.09 -13.32
CA ARG A 96 -6.06 11.10 -14.80
C ARG A 96 -5.52 12.33 -15.61
N ASP A 97 -5.41 13.46 -14.92
CA ASP A 97 -4.90 14.69 -15.51
C ASP A 97 -3.41 14.65 -15.70
N LEU A 98 -2.73 13.83 -14.86
CA LEU A 98 -1.30 13.87 -14.79
C LEU A 98 -0.78 13.21 -16.06
N THR A 99 0.38 13.67 -16.53
CA THR A 99 1.06 13.03 -17.68
C THR A 99 1.20 11.53 -17.33
N SER A 100 1.37 10.71 -18.37
CA SER A 100 1.54 9.27 -18.13
C SER A 100 2.82 9.04 -17.31
N ASP A 101 3.90 9.76 -17.65
CA ASP A 101 5.20 9.63 -16.93
C ASP A 101 4.99 9.88 -15.44
N ASP A 102 4.34 10.99 -15.10
CA ASP A 102 4.02 11.36 -13.70
C ASP A 102 3.11 10.36 -12.98
N GLN A 103 2.15 9.78 -13.68
CA GLN A 103 1.40 8.65 -13.11
C GLN A 103 2.30 7.46 -12.81
N ILE A 104 3.17 7.10 -13.74
CA ILE A 104 4.05 5.95 -13.58
C ILE A 104 4.94 6.15 -12.36
N VAL A 105 5.56 7.32 -12.27
CA VAL A 105 6.49 7.60 -11.19
C VAL A 105 5.82 7.48 -9.82
N LEU A 106 4.61 7.99 -9.69
CA LEU A 106 3.88 7.96 -8.43
C LEU A 106 3.50 6.56 -7.96
N LEU A 107 3.13 5.73 -8.89
CA LEU A 107 2.85 4.32 -8.63
C LEU A 107 4.07 3.49 -8.25
N LYS A 108 5.19 3.72 -8.96
CA LYS A 108 6.43 3.00 -8.74
C LYS A 108 6.98 3.22 -7.32
N SER A 109 6.98 4.48 -6.89
CA SER A 109 7.43 4.88 -5.56
C SER A 109 6.48 4.45 -4.42
N SER A 110 5.17 4.57 -4.62
CA SER A 110 4.20 4.35 -3.55
C SER A 110 3.65 2.94 -3.39
N ALA A 111 3.95 2.06 -4.34
CA ALA A 111 3.22 0.79 -4.39
C ALA A 111 3.46 -0.05 -3.12
N ILE A 112 4.70 -0.11 -2.67
CA ILE A 112 5.01 -0.78 -1.41
C ILE A 112 4.28 -0.16 -0.18
N GLU A 113 4.26 1.16 -0.12
CA GLU A 113 3.67 1.86 1.00
C GLU A 113 2.16 1.59 1.09
N VAL A 114 1.49 1.67 -0.05
CA VAL A 114 0.06 1.40 -0.13
C VAL A 114 -0.27 -0.06 0.24
N ILE A 115 0.55 -1.01 -0.20
CA ILE A 115 0.33 -2.40 0.12
C ILE A 115 0.42 -2.60 1.63
N MET A 116 1.46 -2.02 2.24
CA MET A 116 1.55 -2.02 3.69
C MET A 116 0.35 -1.40 4.33
N LEU A 117 -0.15 -0.29 3.78
CA LEU A 117 -1.33 0.38 4.34
C LEU A 117 -2.60 -0.47 4.24
N ARG A 118 -2.91 -0.92 3.04
CA ARG A 118 -4.12 -1.74 2.79
C ARG A 118 -4.10 -3.04 3.58
N SER A 119 -2.89 -3.57 3.74
CA SER A 119 -2.62 -4.81 4.52
C SER A 119 -3.07 -4.74 5.95
N ASN A 120 -3.13 -3.55 6.54
CA ASN A 120 -3.79 -3.37 7.87
C ASN A 120 -5.12 -4.08 8.16
N GLN A 121 -6.01 -4.14 7.15
CA GLN A 121 -7.33 -4.77 7.27
C GLN A 121 -7.29 -6.28 7.58
N SER A 122 -6.30 -6.97 7.05
CA SER A 122 -6.03 -8.37 7.38
C SER A 122 -5.27 -8.55 8.70
N PHE A 123 -4.56 -7.51 9.15
CA PHE A 123 -3.69 -7.62 10.32
C PHE A 123 -4.49 -7.74 11.61
N THR A 124 -4.18 -8.74 12.43
CA THR A 124 -4.89 -9.01 13.69
C THR A 124 -4.01 -8.60 14.87
N MET A 125 -4.58 -7.80 15.77
CA MET A 125 -3.90 -7.40 17.02
C MET A 125 -3.64 -8.60 17.93
N ASP A 126 -4.63 -9.50 18.07
CA ASP A 126 -4.51 -10.55 19.07
C ASP A 126 -3.27 -11.41 18.87
N ASP A 127 -3.12 -11.92 17.66
CA ASP A 127 -2.00 -12.81 17.34
C ASP A 127 -0.74 -12.09 16.77
N MET A 128 -0.88 -10.80 16.42
CA MET A 128 0.17 -10.02 15.71
C MET A 128 0.55 -10.59 14.33
N SER A 129 -0.45 -11.02 13.58
CA SER A 129 -0.27 -11.62 12.25
C SER A 129 -1.34 -11.10 11.29
N TRP A 130 -1.10 -11.26 10.01
CA TRP A 130 -2.11 -10.96 8.97
C TRP A 130 -3.02 -12.18 8.71
N ASP A 131 -4.30 -12.09 9.04
CA ASP A 131 -5.20 -13.25 8.97
C ASP A 131 -6.08 -13.15 7.74
N CYS A 132 -6.00 -14.17 6.87
CA CYS A 132 -6.77 -14.17 5.62
C CYS A 132 -7.95 -15.15 5.66
N GLY A 133 -8.43 -15.42 6.89
CA GLY A 133 -9.63 -16.23 7.14
C GLY A 133 -9.39 -17.74 7.14
N SER A 134 -8.16 -18.15 6.85
CA SER A 134 -7.80 -19.54 6.76
C SER A 134 -6.40 -19.70 7.34
N GLN A 135 -6.16 -20.89 7.91
CA GLN A 135 -4.90 -21.19 8.50
C GLN A 135 -3.78 -21.12 7.46
N ASP A 136 -4.05 -21.59 6.26
CA ASP A 136 -3.03 -21.57 5.19
C ASP A 136 -2.62 -20.18 4.71
N TYR A 137 -3.54 -19.24 4.75
CA TYR A 137 -3.28 -17.86 4.31
C TYR A 137 -3.04 -16.90 5.49
N LYS A 138 -2.88 -17.46 6.67
CA LYS A 138 -2.46 -16.69 7.84
C LYS A 138 -0.98 -16.40 7.76
N TYR A 139 -0.58 -15.15 7.99
CA TYR A 139 0.85 -14.75 7.80
C TYR A 139 1.47 -14.21 9.06
N ASP A 140 2.59 -14.81 9.45
CA ASP A 140 3.32 -14.49 10.69
C ASP A 140 4.77 -14.05 10.39
N VAL A 141 5.40 -13.52 11.44
CA VAL A 141 6.76 -12.94 11.36
C VAL A 141 7.81 -13.90 10.74
N THR A 142 7.71 -15.18 11.10
CA THR A 142 8.52 -16.23 10.48
C THR A 142 8.22 -16.41 8.98
N ASP A 143 6.94 -16.30 8.58
CA ASP A 143 6.57 -16.37 7.15
C ASP A 143 7.23 -15.30 6.31
N VAL A 144 7.21 -14.07 6.85
CA VAL A 144 7.77 -12.91 6.14
C VAL A 144 9.27 -13.05 6.05
N SER A 145 9.84 -13.60 7.12
CA SER A 145 11.28 -13.94 7.17
C SER A 145 11.64 -15.00 6.10
N LYS A 146 10.76 -15.99 5.99
CA LYS A 146 10.84 -17.01 4.95
C LYS A 146 10.71 -16.39 3.53
N ALA A 147 10.23 -15.15 3.43
CA ALA A 147 10.34 -14.41 2.16
C ALA A 147 11.75 -13.97 1.79
N GLY A 148 12.63 -13.90 2.78
CA GLY A 148 13.99 -13.37 2.57
C GLY A 148 14.14 -11.95 3.05
N HIS A 149 13.38 -11.60 4.08
CA HIS A 149 13.46 -10.27 4.71
C HIS A 149 13.84 -10.38 6.21
N THR A 150 14.86 -9.61 6.56
CA THR A 150 15.42 -9.50 7.92
C THR A 150 14.51 -8.71 8.88
N LEU A 151 14.76 -8.92 10.16
CA LEU A 151 13.94 -8.37 11.23
C LEU A 151 13.91 -6.84 11.27
N GLU A 152 14.93 -6.21 10.75
CA GLU A 152 15.01 -4.78 10.73
C GLU A 152 13.89 -4.08 9.97
N LEU A 153 13.50 -4.67 8.85
CA LEU A 153 12.30 -4.28 8.14
C LEU A 153 11.11 -4.79 8.86
N ILE A 154 11.15 -6.07 9.22
CA ILE A 154 9.99 -6.75 9.78
C ILE A 154 9.52 -6.08 11.07
N GLU A 155 10.41 -5.93 12.04
CA GLU A 155 10.06 -5.39 13.34
C GLU A 155 9.45 -3.99 13.29
N PRO A 156 10.01 -3.08 12.48
CA PRO A 156 9.35 -1.78 12.17
C PRO A 156 8.00 -1.86 11.45
N LEU A 157 7.86 -2.85 10.58
CA LEU A 157 6.60 -3.15 9.94
C LEU A 157 5.52 -3.52 10.95
N ILE A 158 5.83 -4.44 11.87
CA ILE A 158 4.83 -4.94 12.82
C ILE A 158 4.43 -3.76 13.68
N LYS A 159 5.43 -3.02 14.15
CA LYS A 159 5.19 -1.83 14.96
C LYS A 159 4.26 -0.82 14.27
N PHE A 160 4.44 -0.63 12.97
CA PHE A 160 3.63 0.26 12.14
C PHE A 160 2.16 -0.19 12.11
N GLN A 161 1.98 -1.52 11.96
CA GLN A 161 0.68 -2.15 11.91
C GLN A 161 -0.16 -1.97 13.20
N VAL A 162 0.52 -2.19 14.32
CA VAL A 162 0.00 -1.98 15.66
C VAL A 162 -0.43 -0.52 15.82
N GLY A 163 0.50 0.39 15.52
CA GLY A 163 0.32 1.82 15.65
C GLY A 163 -0.80 2.36 14.79
N LEU A 164 -0.92 1.83 13.58
CA LEU A 164 -2.03 2.08 12.69
C LEU A 164 -3.36 1.51 13.25
N LYS A 165 -3.32 0.26 13.70
CA LYS A 165 -4.51 -0.43 14.24
C LYS A 165 -5.14 0.33 15.42
N LYS A 166 -4.25 0.82 16.30
CA LYS A 166 -4.58 1.65 17.48
C LYS A 166 -5.39 2.93 17.16
N LEU A 167 -5.11 3.51 16.00
CA LEU A 167 -5.84 4.70 15.53
C LEU A 167 -7.31 4.39 15.31
N ASN A 168 -7.59 3.17 14.87
CA ASN A 168 -8.93 2.67 14.67
C ASN A 168 -9.71 3.58 13.77
N LEU A 169 -9.09 3.94 12.66
CA LEU A 169 -9.63 4.96 11.78
C LEU A 169 -10.93 4.47 11.18
N HIS A 170 -11.81 5.40 10.83
CA HIS A 170 -12.97 5.09 10.02
C HIS A 170 -12.47 4.61 8.65
N GLU A 171 -13.33 3.89 7.95
CA GLU A 171 -13.04 3.47 6.57
C GLU A 171 -12.76 4.64 5.59
N GLU A 172 -13.39 5.80 5.83
CA GLU A 172 -13.23 6.99 5.02
C GLU A 172 -11.82 7.56 5.18
N GLU A 173 -11.36 7.60 6.43
CA GLU A 173 -9.98 7.95 6.77
C GLU A 173 -8.95 7.03 6.14
N HIS A 174 -9.25 5.75 6.15
CA HIS A 174 -8.32 4.74 5.63
C HIS A 174 -8.06 4.85 4.12
N VAL A 175 -9.17 4.99 3.33
CA VAL A 175 -9.11 5.21 1.89
C VAL A 175 -8.39 6.50 1.55
N LEU A 176 -8.71 7.55 2.32
CA LEU A 176 -8.19 8.92 2.09
C LEU A 176 -6.68 8.97 2.29
N LEU A 177 -6.20 8.29 3.32
CA LEU A 177 -4.79 8.18 3.57
C LEU A 177 -4.04 7.54 2.39
N MET A 178 -4.55 6.39 1.92
CA MET A 178 -3.94 5.69 0.77
C MET A 178 -3.82 6.59 -0.46
N ALA A 179 -4.87 7.37 -0.75
CA ALA A 179 -4.88 8.28 -1.91
C ALA A 179 -3.92 9.45 -1.82
N ILE A 180 -3.85 10.04 -0.64
CA ILE A 180 -2.86 11.08 -0.30
C ILE A 180 -1.43 10.53 -0.37
N CYS A 181 -1.23 9.27 0.00
CA CYS A 181 0.08 8.63 -0.13
C CYS A 181 0.51 8.41 -1.59
N ILE A 182 -0.46 7.89 -2.39
CA ILE A 182 -0.27 7.58 -3.81
C ILE A 182 0.17 8.89 -4.53
N VAL A 183 -0.50 9.99 -4.25
CA VAL A 183 -0.19 11.22 -4.98
C VAL A 183 0.74 12.12 -4.18
N SER A 184 2.04 11.98 -4.37
CA SER A 184 3.02 12.77 -3.63
C SER A 184 3.88 13.62 -4.55
N PRO A 185 3.99 14.93 -4.27
CA PRO A 185 4.89 15.83 -5.03
C PRO A 185 6.36 15.55 -4.93
N ASP A 186 6.81 15.06 -3.77
CA ASP A 186 8.26 14.86 -3.46
C ASP A 186 8.91 13.71 -4.22
N ARG A 187 8.11 12.77 -4.66
CA ARG A 187 8.61 11.49 -5.14
C ARG A 187 9.67 11.74 -6.23
N PRO A 188 10.81 11.01 -6.15
CA PRO A 188 11.88 11.23 -7.11
C PRO A 188 11.37 11.09 -8.58
N GLY A 189 11.92 11.95 -9.46
CA GLY A 189 11.69 11.88 -10.89
C GLY A 189 10.38 12.45 -11.37
N VAL A 190 9.72 13.27 -10.54
CA VAL A 190 8.38 13.83 -10.90
C VAL A 190 8.56 14.99 -11.89
N GLN A 191 7.80 14.94 -12.97
CA GLN A 191 7.91 15.94 -14.05
C GLN A 191 7.27 17.28 -13.69
N ASP A 192 6.09 17.22 -13.08
CA ASP A 192 5.25 18.42 -12.78
C ASP A 192 4.83 18.43 -11.30
N ALA A 193 5.74 18.88 -10.45
CA ALA A 193 5.51 18.90 -9.00
C ALA A 193 4.27 19.71 -8.60
N LYS A 194 4.13 20.88 -9.19
CA LYS A 194 3.06 21.84 -8.86
C LYS A 194 1.66 21.26 -9.04
N LEU A 195 1.47 20.48 -10.12
CA LEU A 195 0.15 19.91 -10.40
C LEU A 195 -0.18 18.73 -9.46
N VAL A 196 0.79 17.86 -9.22
CA VAL A 196 0.64 16.76 -8.25
C VAL A 196 0.34 17.32 -6.86
N GLU A 197 0.99 18.42 -6.51
CA GLU A 197 0.75 19.10 -5.23
C GLU A 197 -0.68 19.58 -5.11
N ALA A 198 -1.19 20.18 -6.19
CA ALA A 198 -2.59 20.68 -6.22
C ALA A 198 -3.63 19.58 -5.94
N ILE A 199 -3.44 18.43 -6.56
CA ILE A 199 -4.35 17.28 -6.40
C ILE A 199 -4.29 16.72 -4.96
N GLN A 200 -3.07 16.58 -4.43
CA GLN A 200 -2.92 16.10 -3.07
C GLN A 200 -3.63 17.02 -2.06
N ASP A 201 -3.42 18.32 -2.20
CA ASP A 201 -4.04 19.34 -1.32
C ASP A 201 -5.54 19.16 -1.19
N ARG A 202 -6.21 18.91 -2.29
CA ARG A 202 -7.65 18.73 -2.22
C ARG A 202 -8.04 17.56 -1.33
N LEU A 203 -7.35 16.43 -1.46
CA LEU A 203 -7.60 15.24 -0.62
C LEU A 203 -7.20 15.41 0.83
N SER A 204 -6.06 16.07 1.06
CA SER A 204 -5.62 16.37 2.43
C SER A 204 -6.64 17.23 3.14
N ASN A 205 -7.00 18.34 2.48
CA ASN A 205 -8.00 19.30 2.96
C ASN A 205 -9.34 18.60 3.14
N THR A 206 -9.66 17.62 2.32
CA THR A 206 -10.83 16.77 2.53
C THR A 206 -10.75 15.91 3.79
N LEU A 207 -9.58 15.33 4.06
CA LEU A 207 -9.33 14.52 5.27
C LEU A 207 -9.35 15.31 6.60
N GLN A 208 -8.64 16.41 6.64
CA GLN A 208 -8.70 17.34 7.77
C GLN A 208 -10.19 17.68 8.15
N THR A 209 -10.92 18.18 7.15
CA THR A 209 -12.31 18.65 7.29
C THR A 209 -13.23 17.55 7.77
N TYR A 210 -12.99 16.34 7.28
CA TYR A 210 -13.77 15.16 7.66
C TYR A 210 -13.60 14.78 9.13
N ILE A 211 -12.38 14.82 9.63
CA ILE A 211 -12.14 14.41 11.03
C ILE A 211 -12.85 15.34 12.01
N ARG A 212 -12.72 16.64 11.75
CA ARG A 212 -13.31 17.68 12.60
C ARG A 212 -14.85 17.65 12.57
N CYS A 213 -15.42 17.51 11.38
CA CYS A 213 -16.89 17.37 11.27
C CYS A 213 -17.34 15.95 11.68
N ARG A 214 -16.68 14.93 11.14
CA ARG A 214 -17.20 13.53 11.27
C ARG A 214 -16.57 12.65 12.33
N HIS A 215 -15.56 13.13 13.06
CA HIS A 215 -14.87 12.28 14.04
C HIS A 215 -14.91 12.86 15.46
N PRO A 216 -15.51 12.10 16.40
CA PRO A 216 -15.75 12.65 17.74
C PRO A 216 -14.59 12.49 18.72
N PRO A 217 -14.44 13.45 19.66
CA PRO A 217 -13.43 13.25 20.74
C PRO A 217 -13.79 12.08 21.69
N PRO A 218 -12.79 11.40 22.24
CA PRO A 218 -11.37 11.79 22.16
C PRO A 218 -10.48 11.17 21.04
N GLY A 219 -11.03 10.25 20.27
CA GLY A 219 -10.37 9.71 19.05
C GLY A 219 -9.94 10.73 17.96
N SER A 220 -10.66 11.84 17.84
CA SER A 220 -10.31 12.92 16.92
C SER A 220 -9.00 13.68 17.23
N HIS A 221 -8.62 13.72 18.52
CA HIS A 221 -7.44 14.48 18.96
C HIS A 221 -6.12 13.97 18.38
N GLN A 222 -5.48 14.86 17.60
CA GLN A 222 -4.19 14.63 16.99
C GLN A 222 -4.20 13.65 15.84
N LEU A 223 -5.39 13.31 15.35
CA LEU A 223 -5.50 12.24 14.41
C LEU A 223 -4.91 12.59 13.02
N TYR A 224 -5.12 13.81 12.52
CA TYR A 224 -4.52 14.16 11.23
C TYR A 224 -2.98 14.09 11.32
N ALA A 225 -2.43 14.79 12.32
CA ALA A 225 -0.97 14.84 12.57
C ALA A 225 -0.38 13.44 12.76
N LYS A 226 -1.09 12.61 13.51
CA LYS A 226 -0.70 11.21 13.70
C LYS A 226 -0.74 10.40 12.44
N MET A 227 -1.82 10.54 11.69
CA MET A 227 -1.90 9.96 10.36
C MET A 227 -0.79 10.43 9.40
N ILE A 228 -0.50 11.74 9.38
CA ILE A 228 0.60 12.29 8.57
C ILE A 228 1.92 11.64 8.97
N GLN A 229 2.12 11.48 10.25
CA GLN A 229 3.35 10.84 10.80
C GLN A 229 3.52 9.42 10.26
N LYS A 230 2.42 8.71 10.11
CA LYS A 230 2.47 7.36 9.55
C LYS A 230 2.96 7.32 8.10
N LEU A 231 2.72 8.38 7.35
CA LEU A 231 3.31 8.50 5.99
C LEU A 231 4.83 8.59 6.04
N ALA A 232 5.34 9.32 7.02
CA ALA A 232 6.80 9.36 7.32
C ALA A 232 7.42 7.99 7.68
N ASP A 233 6.72 7.24 8.50
CA ASP A 233 7.13 5.86 8.84
C ASP A 233 7.15 4.97 7.60
N LEU A 234 6.13 5.12 6.74
CA LEU A 234 6.11 4.45 5.44
C LEU A 234 7.29 4.78 4.51
N ARG A 235 7.71 6.04 4.47
CA ARG A 235 8.90 6.44 3.71
C ARG A 235 10.17 5.76 4.15
N SER A 236 10.36 5.66 5.46
CA SER A 236 11.45 4.86 6.08
C SER A 236 11.31 3.38 5.72
N LEU A 237 10.12 2.81 5.96
CA LEU A 237 9.80 1.44 5.53
C LEU A 237 10.06 1.16 4.03
N ASN A 238 9.77 2.13 3.18
CA ASN A 238 10.03 1.99 1.73
C ASN A 238 11.52 1.88 1.37
N GLU A 239 12.31 2.72 2.00
CA GLU A 239 13.77 2.72 1.87
C GLU A 239 14.42 1.40 2.31
N GLU A 240 13.98 0.87 3.46
CA GLU A 240 14.49 -0.40 3.97
C GLU A 240 14.11 -1.54 3.06
N HIS A 241 12.82 -1.69 2.76
CA HIS A 241 12.36 -2.71 1.80
C HIS A 241 13.20 -2.70 0.53
N SER A 242 13.47 -1.51 -0.01
CA SER A 242 14.14 -1.34 -1.30
C SER A 242 15.53 -1.88 -1.29
N LYS A 243 16.30 -1.53 -0.25
CA LYS A 243 17.63 -2.10 -0.05
C LYS A 243 17.53 -3.61 0.04
N GLN A 244 16.68 -4.11 0.93
CA GLN A 244 16.50 -5.55 1.10
C GLN A 244 16.05 -6.22 -0.21
N TYR A 245 15.17 -5.54 -0.95
CA TYR A 245 14.67 -6.01 -2.24
C TYR A 245 15.78 -6.17 -3.27
N ARG A 246 16.69 -5.22 -3.32
N ARG A 246 16.69 -5.22 -3.33
CA ARG A 246 17.83 -5.28 -4.27
CA ARG A 246 17.83 -5.26 -4.25
C ARG A 246 18.80 -6.42 -4.00
C ARG A 246 18.80 -6.40 -4.00
N SER A 247 19.11 -6.67 -2.72
CA SER A 247 19.99 -7.79 -2.34
C SER A 247 19.33 -9.13 -2.61
N LEU A 248 18.03 -9.18 -2.36
CA LEU A 248 17.24 -10.32 -2.78
C LEU A 248 17.24 -10.44 -4.30
N SER A 249 16.89 -9.35 -4.97
CA SER A 249 16.73 -9.31 -6.44
C SER A 249 18.02 -9.55 -7.21
N PHE A 250 19.14 -9.13 -6.62
CA PHE A 250 20.48 -9.24 -7.25
C PHE A 250 20.84 -10.69 -7.58
N GLN A 251 20.48 -11.63 -6.71
CA GLN A 251 20.71 -13.05 -6.96
C GLN A 251 19.76 -13.59 -8.01
N PRO A 252 20.31 -14.05 -9.17
CA PRO A 252 19.47 -14.63 -10.25
C PRO A 252 18.46 -15.68 -9.78
N GLU A 253 18.85 -16.56 -8.88
N GLU A 253 18.90 -16.54 -8.88
CA GLU A 253 17.95 -17.61 -8.37
CA GLU A 253 18.09 -17.63 -8.29
C GLU A 253 16.71 -17.13 -7.67
C GLU A 253 16.80 -17.18 -7.62
N ASN A 254 16.88 -16.12 -6.83
CA ASN A 254 15.72 -15.46 -6.21
C ASN A 254 14.85 -14.64 -7.19
N SER A 255 15.51 -13.91 -8.08
CA SER A 255 14.88 -13.11 -9.14
C SER A 255 13.91 -13.91 -10.07
N MET A 256 14.26 -15.16 -10.31
CA MET A 256 13.42 -16.09 -11.06
C MET A 256 12.06 -16.35 -10.39
N LYS A 257 11.99 -16.27 -9.07
CA LYS A 257 10.72 -16.48 -8.32
C LYS A 257 9.76 -15.29 -8.36
N LEU A 258 10.26 -14.13 -8.70
CA LEU A 258 9.44 -12.91 -8.83
C LEU A 258 8.57 -12.92 -10.06
N THR A 259 7.42 -12.27 -9.96
CA THR A 259 6.53 -12.08 -11.14
C THR A 259 7.10 -10.97 -12.06
N PRO A 260 6.75 -11.01 -13.36
CA PRO A 260 7.23 -9.97 -14.32
C PRO A 260 6.85 -8.56 -13.92
N LEU A 261 5.63 -8.41 -13.38
CA LEU A 261 5.12 -7.12 -12.94
C LEU A 261 5.97 -6.60 -11.83
N VAL A 262 6.23 -7.47 -10.86
CA VAL A 262 7.03 -7.12 -9.67
C VAL A 262 8.38 -6.63 -10.08
N LEU A 263 9.04 -7.32 -10.99
CA LEU A 263 10.34 -6.87 -11.53
C LEU A 263 10.26 -5.48 -12.18
N GLU A 264 9.22 -5.25 -12.95
CA GLU A 264 9.07 -3.99 -13.66
C GLU A 264 8.79 -2.83 -12.69
N VAL A 265 7.78 -3.03 -11.82
CA VAL A 265 7.42 -2.04 -10.78
C VAL A 265 8.55 -1.84 -9.76
N PHE A 266 8.82 -2.86 -8.94
CA PHE A 266 9.86 -2.74 -7.90
C PHE A 266 11.27 -2.58 -8.46
N GLY A 267 11.45 -2.79 -9.76
CA GLY A 267 12.79 -2.67 -10.40
C GLY A 267 13.83 -3.70 -9.95
N GLU B 2 10.19 2.93 -21.60
CA GLU B 2 10.82 1.69 -21.01
C GLU B 2 9.74 0.79 -20.40
N ASN B 3 9.00 1.34 -19.45
CA ASN B 3 8.00 0.57 -18.68
C ASN B 3 6.76 0.36 -19.55
N ALA B 4 6.39 -0.90 -19.68
CA ALA B 4 5.33 -1.30 -20.58
C ALA B 4 4.12 -1.76 -19.81
N LEU B 5 4.34 -2.66 -18.86
CA LEU B 5 3.27 -3.27 -18.07
C LEU B 5 2.46 -2.27 -17.24
N LEU B 6 3.15 -1.24 -16.73
CA LEU B 6 2.50 -0.21 -15.94
C LEU B 6 1.61 0.67 -16.81
N ARG B 7 2.16 1.05 -17.95
CA ARG B 7 1.47 1.89 -18.91
C ARG B 7 0.22 1.27 -19.40
N TYR B 8 0.25 -0.03 -19.71
CA TYR B 8 -0.96 -0.72 -20.17
C TYR B 8 -2.07 -0.70 -19.11
N LEU B 9 -1.66 -0.90 -17.85
CA LEU B 9 -2.63 -1.05 -16.74
C LEU B 9 -3.26 0.29 -16.36
N LEU B 10 -2.43 1.34 -16.37
CA LEU B 10 -2.91 2.70 -16.17
C LEU B 10 -3.84 3.19 -17.28
N ASP B 11 -3.64 2.70 -18.50
CA ASP B 11 -4.48 3.04 -19.68
C ASP B 11 -4.20 4.43 -20.17
#